data_7WF5
#
_entry.id   7WF5
#
_cell.length_a   41.927
_cell.length_b   63.632
_cell.length_c   74.505
_cell.angle_alpha   79.140
_cell.angle_beta   89.500
_cell.angle_gamma   88.800
#
_symmetry.space_group_name_H-M   'P 1'
#
loop_
_entity.id
_entity.type
_entity.pdbx_description
1 polymer 'Proto-oncogene tyrosine-protein kinase Src'
2 non-polymer '3-(imidazo[1,2-b]pyridazin-3-ylethynyl)-4-methyl-N-{4-[(4-methylpiperazin-1-yl)methyl]-3-(trifluoromethyl)phenyl}benzam ide'
3 water water
#
_entity_poly.entity_id   1
_entity_poly.type   'polypeptide(L)'
_entity_poly.pdbx_seq_one_letter_code
;GHMQTQGLAKDAWEIPRESLRLEVKLGQGCFGEVWMGTWNGTTRVAIKTLKPGTMSPEAFLQEAQVMKKLRHEKLVQLYA
VVSEEPIYIVTEYMSKGSLLDFLKGEMGKYLRLPQLVDMAAQIASGMAYVERMNYVHRDLRAANILVGENLVCKVADFGL
ARLIEDNEYTARQGAKFPIKWTAPEAALYGRFTIKSDVWSFGILLTELTTKGRVPYPGMVNREVLDQVERGYRMPCPPEC
PESLHDLMCQCWRKDPEERPTFEYLQAFLEDYFTSTEPQYQPGENL
;
_entity_poly.pdbx_strand_id   A,B
#
loop_
_chem_comp.id
_chem_comp.type
_chem_comp.name
_chem_comp.formula
0LI non-polymer '3-(imidazo[1,2-b]pyridazin-3-ylethynyl)-4-methyl-N-{4-[(4-methylpiperazin-1-yl)methyl]-3-(trifluoromethyl)phenyl}benzam ide' 'C29 H27 F3 N6 O'
#
# COMPACT_ATOMS: atom_id res chain seq x y z
N LYS A 10 -15.31 -11.84 -41.23
CA LYS A 10 -14.59 -12.10 -42.47
C LYS A 10 -13.10 -12.08 -42.19
N ASP A 11 -12.68 -12.89 -41.24
CA ASP A 11 -11.27 -12.96 -40.87
C ASP A 11 -11.03 -14.29 -40.17
N ALA A 12 -9.80 -14.81 -40.26
CA ALA A 12 -9.55 -16.11 -39.63
C ALA A 12 -9.48 -16.01 -38.11
N TRP A 13 -9.40 -14.80 -37.56
CA TRP A 13 -9.39 -14.58 -36.12
C TRP A 13 -10.79 -14.54 -35.53
N GLU A 14 -11.80 -14.38 -36.38
CA GLU A 14 -13.16 -14.18 -35.90
C GLU A 14 -13.69 -15.45 -35.26
N ILE A 15 -14.43 -15.32 -34.16
CA ILE A 15 -15.07 -16.49 -33.54
C ILE A 15 -16.54 -16.21 -33.31
N PRO A 16 -17.35 -17.26 -33.18
CA PRO A 16 -18.78 -17.03 -32.89
C PRO A 16 -19.00 -16.56 -31.47
N ARG A 17 -20.00 -15.69 -31.31
CA ARG A 17 -20.26 -15.10 -29.99
C ARG A 17 -20.57 -16.17 -28.95
N GLU A 18 -21.23 -17.26 -29.37
CA GLU A 18 -21.63 -18.30 -28.43
C GLU A 18 -20.44 -19.15 -27.95
N SER A 19 -19.30 -19.10 -28.64
CA SER A 19 -18.14 -19.87 -28.19
C SER A 19 -17.37 -19.20 -27.05
N LEU A 20 -17.75 -17.98 -26.67
CA LEU A 20 -17.01 -17.22 -25.66
C LEU A 20 -17.90 -17.01 -24.44
N ARG A 21 -17.42 -17.41 -23.27
CA ARG A 21 -18.15 -17.22 -22.02
C ARG A 21 -17.34 -16.36 -21.06
N LEU A 22 -17.97 -15.34 -20.49
CA LEU A 22 -17.31 -14.44 -19.56
C LEU A 22 -17.65 -14.88 -18.15
N GLU A 23 -16.62 -15.17 -17.34
CA GLU A 23 -16.82 -15.83 -16.07
C GLU A 23 -16.53 -14.92 -14.90
N VAL A 24 -15.37 -14.27 -14.90
CA VAL A 24 -14.98 -13.41 -13.80
C VAL A 24 -14.44 -12.07 -14.26
N LYS A 25 -14.97 -10.99 -13.70
CA LYS A 25 -14.51 -9.66 -14.06
C LYS A 25 -13.19 -9.39 -13.34
N LEU A 26 -12.16 -9.13 -14.13
CA LEU A 26 -10.83 -8.88 -13.59
C LEU A 26 -10.48 -7.41 -13.50
N GLY A 27 -11.11 -6.58 -14.32
CA GLY A 27 -10.82 -5.16 -14.29
C GLY A 27 -11.87 -4.31 -14.98
N GLN A 28 -11.88 -3.04 -14.61
CA GLN A 28 -12.81 -2.10 -15.20
C GLN A 28 -12.02 -0.97 -15.81
N GLY A 29 -12.58 -0.33 -16.83
CA GLY A 29 -11.91 0.77 -17.47
C GLY A 29 -12.88 1.76 -18.05
N CYS A 30 -12.37 2.89 -18.55
CA CYS A 30 -13.27 3.87 -19.11
C CYS A 30 -13.80 3.43 -20.46
N PHE A 31 -13.09 2.52 -21.10
CA PHE A 31 -13.47 2.03 -22.42
C PHE A 31 -14.10 0.63 -22.43
N GLY A 32 -13.85 -0.15 -21.39
CA GLY A 32 -14.41 -1.48 -21.34
C GLY A 32 -13.95 -2.21 -20.09
N GLU A 33 -14.00 -3.54 -20.15
CA GLU A 33 -13.63 -4.36 -19.01
C GLU A 33 -12.67 -5.46 -19.45
N VAL A 34 -12.00 -6.09 -18.47
CA VAL A 34 -11.22 -7.31 -18.68
C VAL A 34 -11.85 -8.41 -17.86
N TRP A 35 -12.11 -9.54 -18.49
CA TRP A 35 -12.70 -10.72 -17.87
C TRP A 35 -11.83 -11.95 -18.07
N MET A 36 -11.93 -12.87 -17.13
CA MET A 36 -11.48 -14.23 -17.37
C MET A 36 -12.66 -15.02 -17.90
N GLY A 37 -12.41 -15.88 -18.84
CA GLY A 37 -13.51 -16.67 -19.34
C GLY A 37 -13.01 -17.93 -20.01
N THR A 38 -13.87 -18.50 -20.82
CA THR A 38 -13.60 -19.76 -21.50
C THR A 38 -13.98 -19.66 -22.98
N TRP A 39 -13.12 -20.20 -23.82
CA TRP A 39 -13.32 -20.21 -25.27
C TRP A 39 -13.51 -21.66 -25.69
N ASN A 40 -14.57 -21.94 -26.45
CA ASN A 40 -14.91 -23.27 -26.94
C ASN A 40 -15.15 -24.27 -25.81
N GLY A 41 -15.56 -23.81 -24.62
CA GLY A 41 -15.75 -24.72 -23.50
C GLY A 41 -14.49 -25.33 -22.92
N THR A 42 -13.34 -25.17 -23.56
CA THR A 42 -12.12 -25.86 -23.17
C THR A 42 -10.95 -24.95 -22.80
N THR A 43 -10.85 -23.75 -23.37
CA THR A 43 -9.64 -22.96 -23.25
C THR A 43 -9.90 -21.77 -22.36
N ARG A 44 -9.10 -21.65 -21.30
CA ARG A 44 -9.20 -20.49 -20.41
C ARG A 44 -8.60 -19.30 -21.12
N VAL A 45 -9.31 -18.17 -21.11
CA VAL A 45 -8.89 -17.00 -21.89
C VAL A 45 -9.10 -15.75 -21.06
N ALA A 46 -8.47 -14.68 -21.51
CA ALA A 46 -8.76 -13.34 -21.02
C ALA A 46 -9.46 -12.60 -22.14
N ILE A 47 -10.35 -11.70 -21.74
CA ILE A 47 -11.26 -11.06 -22.67
C ILE A 47 -11.32 -9.56 -22.37
N LYS A 48 -11.01 -8.71 -23.37
CA LYS A 48 -11.24 -7.25 -23.27
C LYS A 48 -12.53 -6.88 -23.99
N THR A 49 -13.38 -6.08 -23.35
CA THR A 49 -14.60 -5.63 -23.97
C THR A 49 -14.54 -4.14 -24.25
N LEU A 50 -15.39 -3.69 -25.16
CA LEU A 50 -15.51 -2.27 -25.48
C LEU A 50 -16.92 -1.82 -25.12
N LYS A 51 -17.03 -0.81 -24.26
CA LYS A 51 -18.34 -0.24 -23.96
C LYS A 51 -18.90 0.43 -25.22
N PRO A 52 -20.06 0.00 -25.74
CA PRO A 52 -20.66 0.69 -26.89
C PRO A 52 -20.79 2.19 -26.62
N GLY A 53 -20.32 2.98 -27.57
CA GLY A 53 -20.37 4.44 -27.51
C GLY A 53 -19.30 5.12 -26.66
N THR A 54 -18.35 4.36 -26.13
CA THR A 54 -17.31 4.93 -25.28
C THR A 54 -16.05 5.34 -26.04
N MET A 55 -15.79 4.67 -27.16
CA MET A 55 -14.63 4.95 -27.98
C MET A 55 -14.93 4.44 -29.38
N SER A 56 -14.28 4.96 -30.41
CA SER A 56 -14.56 4.45 -31.73
C SER A 56 -14.21 2.96 -31.92
N PRO A 57 -15.21 2.12 -32.26
CA PRO A 57 -14.93 0.72 -32.55
C PRO A 57 -13.69 0.59 -33.42
N GLU A 58 -13.55 1.45 -34.43
CA GLU A 58 -12.36 1.38 -35.28
C GLU A 58 -11.10 1.64 -34.46
N ALA A 59 -11.19 2.58 -33.54
CA ALA A 59 -10.09 2.90 -32.65
C ALA A 59 -9.77 1.75 -31.71
N PHE A 60 -10.79 1.09 -31.16
CA PHE A 60 -10.59 -0.04 -30.24
C PHE A 60 -9.95 -1.23 -30.94
N LEU A 61 -10.45 -1.57 -32.13
CA LEU A 61 -9.99 -2.68 -32.95
C LEU A 61 -8.56 -2.53 -33.46
N GLN A 62 -8.04 -1.31 -33.52
CA GLN A 62 -6.63 -1.15 -33.89
C GLN A 62 -5.71 -1.93 -32.93
N GLU A 63 -6.07 -2.04 -31.65
CA GLU A 63 -5.31 -2.89 -30.74
C GLU A 63 -5.17 -4.30 -31.30
N ALA A 64 -6.30 -4.88 -31.70
CA ALA A 64 -6.30 -6.24 -32.26
C ALA A 64 -5.45 -6.32 -33.51
N GLN A 65 -5.46 -5.27 -34.33
CA GLN A 65 -4.67 -5.28 -35.55
C GLN A 65 -3.18 -5.32 -35.23
N VAL A 66 -2.76 -4.59 -34.20
CA VAL A 66 -1.37 -4.64 -33.80
C VAL A 66 -1.01 -6.02 -33.26
N MET A 67 -1.90 -6.63 -32.45
CA MET A 67 -1.60 -7.93 -31.85
C MET A 67 -1.57 -9.04 -32.89
N LYS A 68 -2.30 -8.87 -34.00
CA LYS A 68 -2.22 -9.87 -35.05
C LYS A 68 -0.81 -9.92 -35.63
N LYS A 69 -0.04 -8.85 -35.52
CA LYS A 69 1.29 -8.84 -36.11
C LYS A 69 2.38 -9.24 -35.14
N LEU A 70 2.09 -9.35 -33.85
CA LEU A 70 3.09 -9.64 -32.84
C LEU A 70 2.86 -11.06 -32.34
N ARG A 71 3.92 -11.85 -32.31
CA ARG A 71 3.79 -13.22 -31.84
C ARG A 71 5.12 -13.58 -31.22
N HIS A 72 5.14 -13.70 -29.90
CA HIS A 72 6.35 -14.06 -29.17
C HIS A 72 5.96 -14.66 -27.83
N GLU A 73 6.78 -15.62 -27.37
CA GLU A 73 6.40 -16.32 -26.15
C GLU A 73 6.33 -15.40 -24.95
N LYS A 74 7.00 -14.25 -25.00
CA LYS A 74 7.01 -13.33 -23.87
C LYS A 74 6.09 -12.11 -24.01
N LEU A 75 5.18 -12.17 -24.98
CA LEU A 75 4.18 -11.13 -25.18
C LEU A 75 2.81 -11.79 -25.09
N VAL A 76 1.86 -11.17 -24.38
CA VAL A 76 0.54 -11.84 -24.25
C VAL A 76 -0.06 -12.01 -25.63
N GLN A 77 -0.57 -13.23 -25.91
CA GLN A 77 -0.87 -13.66 -27.26
C GLN A 77 -2.36 -13.53 -27.59
N LEU A 78 -2.67 -12.82 -28.69
CA LEU A 78 -4.03 -12.76 -29.20
C LEU A 78 -4.47 -14.15 -29.63
N TYR A 79 -5.69 -14.55 -29.23
CA TYR A 79 -6.30 -15.79 -29.67
C TYR A 79 -7.45 -15.57 -30.64
N ALA A 80 -8.26 -14.51 -30.45
CA ALA A 80 -9.54 -14.46 -31.17
C ALA A 80 -10.08 -13.03 -31.11
N VAL A 81 -11.01 -12.72 -32.01
CA VAL A 81 -11.68 -11.42 -31.99
C VAL A 81 -13.15 -11.64 -32.36
N VAL A 82 -14.01 -10.86 -31.72
CA VAL A 82 -15.39 -10.65 -32.18
C VAL A 82 -15.38 -9.18 -32.61
N SER A 83 -15.41 -8.92 -33.91
CA SER A 83 -14.97 -7.60 -34.38
C SER A 83 -16.09 -6.63 -34.72
N GLU A 84 -17.36 -7.00 -34.50
CA GLU A 84 -18.46 -6.07 -34.62
C GLU A 84 -19.04 -5.77 -33.24
N GLU A 85 -19.56 -4.55 -33.06
CA GLU A 85 -20.11 -4.14 -31.78
C GLU A 85 -21.22 -5.07 -31.30
N PRO A 86 -21.21 -5.47 -30.01
CA PRO A 86 -20.14 -5.40 -28.99
C PRO A 86 -18.89 -6.19 -29.38
N ILE A 87 -17.75 -5.51 -29.32
CA ILE A 87 -16.47 -6.07 -29.73
C ILE A 87 -15.82 -6.79 -28.56
N TYR A 88 -15.16 -7.91 -28.84
CA TYR A 88 -14.37 -8.62 -27.83
C TYR A 88 -13.00 -8.93 -28.41
N ILE A 89 -11.95 -8.74 -27.60
CA ILE A 89 -10.59 -9.18 -27.91
C ILE A 89 -10.20 -10.27 -26.91
N VAL A 90 -9.75 -11.41 -27.40
CA VAL A 90 -9.54 -12.62 -26.60
C VAL A 90 -8.07 -13.01 -26.66
N THR A 91 -7.47 -13.27 -25.51
CA THR A 91 -6.02 -13.58 -25.45
C THR A 91 -5.84 -14.79 -24.57
N GLU A 92 -4.60 -15.27 -24.50
CA GLU A 92 -4.26 -16.29 -23.51
C GLU A 92 -4.49 -15.74 -22.10
N TYR A 93 -4.71 -16.64 -21.13
CA TYR A 93 -4.91 -16.23 -19.74
C TYR A 93 -3.63 -16.44 -18.91
N MET A 94 -3.30 -15.48 -18.07
CA MET A 94 -2.10 -15.53 -17.22
C MET A 94 -2.59 -15.59 -15.78
N SER A 95 -2.43 -16.77 -15.16
CA SER A 95 -3.19 -17.13 -13.97
C SER A 95 -2.85 -16.32 -12.72
N LYS A 96 -1.69 -15.66 -12.66
CA LYS A 96 -1.30 -14.91 -11.47
C LYS A 96 -1.55 -13.42 -11.57
N GLY A 97 -2.06 -12.91 -12.71
CA GLY A 97 -2.45 -11.51 -12.75
C GLY A 97 -1.24 -10.62 -12.98
N SER A 98 -1.38 -9.34 -12.61
CA SER A 98 -0.32 -8.40 -12.97
C SER A 98 0.87 -8.63 -12.05
N LEU A 99 2.03 -8.32 -12.60
CA LEU A 99 3.31 -8.49 -11.86
C LEU A 99 3.29 -7.61 -10.62
N LEU A 100 2.73 -6.39 -10.76
CA LEU A 100 2.63 -5.50 -9.61
C LEU A 100 1.87 -6.15 -8.46
N ASP A 101 0.68 -6.67 -8.75
CA ASP A 101 -0.07 -7.32 -7.69
C ASP A 101 0.67 -8.53 -7.15
N PHE A 102 1.33 -9.28 -8.03
CA PHE A 102 2.02 -10.50 -7.63
C PHE A 102 3.14 -10.18 -6.65
N LEU A 103 3.88 -9.10 -6.93
CA LEU A 103 5.01 -8.68 -6.08
C LEU A 103 4.52 -8.17 -4.75
N LYS A 104 3.38 -7.46 -4.74
CA LYS A 104 2.89 -6.84 -3.50
C LYS A 104 2.23 -7.88 -2.59
N GLY A 105 1.73 -8.96 -3.17
CA GLY A 105 0.88 -9.95 -2.49
C GLY A 105 1.70 -11.02 -1.81
N GLU A 106 1.01 -12.12 -1.46
CA GLU A 106 1.61 -13.19 -0.64
C GLU A 106 2.90 -13.75 -1.23
N MET A 107 3.03 -13.78 -2.55
CA MET A 107 4.23 -14.41 -3.12
C MET A 107 5.48 -13.58 -2.94
N GLY A 108 5.33 -12.27 -2.80
CA GLY A 108 6.46 -11.37 -2.66
C GLY A 108 7.47 -11.80 -1.64
N LYS A 109 6.95 -12.33 -0.54
CA LYS A 109 7.78 -12.79 0.57
C LYS A 109 8.66 -13.98 0.21
N TYR A 110 8.35 -14.68 -0.87
CA TYR A 110 9.22 -15.83 -1.20
C TYR A 110 10.16 -15.52 -2.35
N LEU A 111 9.89 -14.52 -3.14
CA LEU A 111 10.74 -14.17 -4.28
C LEU A 111 12.04 -13.58 -3.78
N ARG A 112 13.16 -14.11 -4.28
CA ARG A 112 14.47 -13.57 -3.98
C ARG A 112 15.13 -13.21 -5.33
N LEU A 113 16.37 -12.79 -5.23
CA LEU A 113 17.01 -12.18 -6.41
C LEU A 113 17.02 -13.15 -7.60
N PRO A 114 17.26 -14.46 -7.45
CA PRO A 114 17.29 -15.32 -8.66
C PRO A 114 15.96 -15.34 -9.37
N GLN A 115 14.86 -15.39 -8.64
CA GLN A 115 13.56 -15.37 -9.32
C GLN A 115 13.30 -14.00 -9.95
N LEU A 116 13.65 -12.92 -9.26
CA LEU A 116 13.34 -11.59 -9.77
C LEU A 116 14.16 -11.29 -11.01
N VAL A 117 15.43 -11.68 -11.02
CA VAL A 117 16.26 -11.46 -12.22
C VAL A 117 15.78 -12.30 -13.38
N ASP A 118 15.34 -13.52 -13.09
CA ASP A 118 14.82 -14.33 -14.18
C ASP A 118 13.57 -13.71 -14.74
N MET A 119 12.75 -13.13 -13.88
CA MET A 119 11.54 -12.47 -14.37
C MET A 119 11.93 -11.27 -15.23
N ALA A 120 12.94 -10.51 -14.81
CA ALA A 120 13.39 -9.37 -15.56
C ALA A 120 13.94 -9.84 -16.92
N ALA A 121 14.68 -10.97 -16.92
CA ALA A 121 15.23 -11.49 -18.17
C ALA A 121 14.14 -11.86 -19.16
N GLN A 122 13.02 -12.39 -18.65
CA GLN A 122 11.91 -12.72 -19.55
C GLN A 122 11.30 -11.48 -20.13
N ILE A 123 11.07 -10.47 -19.29
CA ILE A 123 10.53 -9.22 -19.79
C ILE A 123 11.47 -8.60 -20.81
N ALA A 124 12.78 -8.61 -20.50
CA ALA A 124 13.72 -8.08 -21.48
C ALA A 124 13.66 -8.85 -22.79
N SER A 125 13.40 -10.18 -22.73
CA SER A 125 13.30 -10.94 -23.98
C SER A 125 12.09 -10.47 -24.80
N GLY A 126 10.96 -10.31 -24.14
CA GLY A 126 9.79 -9.79 -24.85
C GLY A 126 10.08 -8.42 -25.45
N MET A 127 10.71 -7.54 -24.67
CA MET A 127 11.01 -6.21 -25.21
C MET A 127 12.10 -6.26 -26.27
N ALA A 128 13.01 -7.25 -26.22
CA ALA A 128 13.95 -7.41 -27.31
C ALA A 128 13.21 -7.77 -28.61
N TYR A 129 12.11 -8.52 -28.52
CA TYR A 129 11.30 -8.79 -29.70
C TYR A 129 10.62 -7.52 -30.19
N VAL A 130 10.04 -6.75 -29.26
CA VAL A 130 9.46 -5.45 -29.62
C VAL A 130 10.51 -4.59 -30.33
N GLU A 131 11.74 -4.59 -29.80
CA GLU A 131 12.83 -3.83 -30.37
C GLU A 131 13.18 -4.31 -31.78
N ARG A 132 13.29 -5.64 -31.96
CA ARG A 132 13.59 -6.22 -33.27
C ARG A 132 12.51 -5.87 -34.26
N MET A 133 11.27 -5.78 -33.79
CA MET A 133 10.16 -5.52 -34.72
C MET A 133 9.94 -4.02 -34.96
N ASN A 134 10.75 -3.15 -34.36
CA ASN A 134 10.64 -1.70 -34.50
C ASN A 134 9.31 -1.17 -33.95
N TYR A 135 8.81 -1.78 -32.89
CA TYR A 135 7.70 -1.20 -32.14
C TYR A 135 8.24 -0.47 -30.91
N VAL A 136 7.35 0.27 -30.27
CA VAL A 136 7.64 0.95 -29.02
C VAL A 136 6.50 0.67 -28.07
N HIS A 137 6.82 0.41 -26.82
CA HIS A 137 5.73 0.08 -25.89
C HIS A 137 5.05 1.34 -25.40
N ARG A 138 5.84 2.21 -24.75
CA ARG A 138 5.37 3.49 -24.25
C ARG A 138 4.89 3.48 -22.80
N ASP A 139 4.64 2.31 -22.23
CA ASP A 139 4.12 2.28 -20.84
C ASP A 139 4.58 0.99 -20.21
N LEU A 140 5.87 0.68 -20.33
CA LEU A 140 6.42 -0.52 -19.68
C LEU A 140 6.52 -0.27 -18.19
N ARG A 141 5.89 -1.11 -17.37
CA ARG A 141 5.98 -1.01 -15.91
C ARG A 141 5.32 -2.27 -15.41
N ALA A 142 5.50 -2.58 -14.12
CA ALA A 142 5.02 -3.85 -13.60
C ALA A 142 3.51 -3.99 -13.72
N ALA A 143 2.78 -2.86 -13.72
CA ALA A 143 1.32 -2.98 -13.92
C ALA A 143 0.93 -3.49 -15.29
N ASN A 144 1.83 -3.41 -16.25
CA ASN A 144 1.60 -3.93 -17.59
C ASN A 144 2.35 -5.24 -17.86
N ILE A 145 2.82 -5.94 -16.83
CA ILE A 145 3.43 -7.25 -17.04
C ILE A 145 2.45 -8.24 -16.40
N LEU A 146 2.26 -9.40 -17.02
CA LEU A 146 1.40 -10.45 -16.48
C LEU A 146 2.26 -11.65 -16.09
N VAL A 147 1.82 -12.38 -15.07
CA VAL A 147 2.57 -13.54 -14.53
C VAL A 147 1.69 -14.80 -14.61
N GLY A 148 2.31 -15.95 -14.99
CA GLY A 148 1.57 -17.21 -15.14
C GLY A 148 2.17 -18.25 -14.24
N GLU A 149 1.88 -19.52 -14.49
CA GLU A 149 2.49 -20.63 -13.77
C GLU A 149 3.98 -20.66 -14.05
N ASN A 150 4.74 -21.21 -13.10
CA ASN A 150 6.19 -21.39 -13.28
C ASN A 150 6.93 -20.07 -13.45
N LEU A 151 6.36 -19.00 -12.88
CA LEU A 151 6.93 -17.65 -12.89
C LEU A 151 7.11 -17.14 -14.33
N VAL A 152 6.31 -17.64 -15.28
CA VAL A 152 6.36 -17.05 -16.61
C VAL A 152 5.85 -15.62 -16.56
N CYS A 153 6.58 -14.70 -17.21
CA CYS A 153 6.20 -13.28 -17.31
C CYS A 153 6.06 -12.89 -18.78
N LYS A 154 5.03 -12.10 -19.08
CA LYS A 154 4.74 -11.65 -20.43
C LYS A 154 4.38 -10.16 -20.42
N VAL A 155 4.89 -9.49 -21.45
CA VAL A 155 4.58 -8.08 -21.67
C VAL A 155 3.14 -7.94 -22.14
N ALA A 156 2.43 -6.93 -21.60
CA ALA A 156 1.04 -6.65 -21.99
C ALA A 156 0.89 -5.13 -22.09
N ASP A 157 -0.29 -4.67 -22.46
CA ASP A 157 -0.55 -3.23 -22.43
C ASP A 157 -2.03 -3.06 -22.13
N PHE A 158 -2.36 -2.45 -21.00
CA PHE A 158 -3.75 -2.26 -20.64
C PHE A 158 -4.21 -0.83 -20.88
N GLY A 159 -3.40 0.00 -21.50
CA GLY A 159 -3.85 1.32 -21.83
C GLY A 159 -4.20 2.05 -20.57
N LEU A 160 -3.27 2.11 -19.62
CA LEU A 160 -3.54 2.63 -18.27
C LEU A 160 -3.50 4.17 -18.13
N PHE A 177 -0.91 9.76 -15.72
CA PHE A 177 0.36 9.85 -16.41
C PHE A 177 1.47 9.28 -15.55
N PRO A 178 2.07 8.17 -16.00
CA PRO A 178 3.13 7.48 -15.24
C PRO A 178 4.49 8.16 -15.41
N ILE A 179 4.56 9.44 -14.98
CA ILE A 179 5.78 10.23 -15.06
C ILE A 179 6.95 9.51 -14.42
N LYS A 180 6.69 8.84 -13.31
CA LYS A 180 7.75 8.14 -12.60
C LYS A 180 8.44 7.03 -13.38
N TRP A 181 7.79 6.52 -14.41
CA TRP A 181 8.37 5.45 -15.19
C TRP A 181 8.87 5.94 -16.56
N THR A 182 8.62 7.20 -16.89
CA THR A 182 8.87 7.69 -18.24
C THR A 182 10.20 8.41 -18.35
N ALA A 183 10.93 8.12 -19.45
CA ALA A 183 12.19 8.81 -19.66
C ALA A 183 11.96 10.31 -19.81
N PRO A 184 12.87 11.14 -19.32
CA PRO A 184 12.62 12.58 -19.39
C PRO A 184 12.40 13.10 -20.79
N GLU A 185 13.12 12.58 -21.83
CA GLU A 185 12.88 13.17 -23.15
C GLU A 185 11.48 12.83 -23.68
N ALA A 186 10.90 11.70 -23.23
CA ALA A 186 9.54 11.32 -23.60
C ALA A 186 8.53 12.13 -22.82
N ALA A 187 8.76 12.26 -21.51
CA ALA A 187 7.81 13.01 -20.68
C ALA A 187 7.82 14.48 -21.06
N LEU A 188 8.98 15.04 -21.31
CA LEU A 188 9.03 16.47 -21.57
C LEU A 188 8.74 16.81 -23.03
N TYR A 189 9.27 16.05 -23.97
CA TYR A 189 9.23 16.46 -25.37
C TYR A 189 8.53 15.49 -26.30
N GLY A 190 7.93 14.42 -25.77
CA GLY A 190 7.24 13.47 -26.62
C GLY A 190 8.12 12.54 -27.41
N ARG A 191 9.38 12.43 -27.03
CA ARG A 191 10.31 11.55 -27.73
C ARG A 191 10.26 10.13 -27.19
N PHE A 192 9.19 9.42 -27.54
CA PHE A 192 9.00 8.02 -27.16
C PHE A 192 9.71 7.13 -28.17
N THR A 193 10.66 6.31 -27.71
CA THR A 193 11.40 5.43 -28.63
C THR A 193 11.67 4.14 -27.88
N ILE A 194 12.32 3.19 -28.52
CA ILE A 194 12.66 1.98 -27.80
C ILE A 194 13.60 2.36 -26.65
N LYS A 195 14.35 3.46 -26.80
CA LYS A 195 15.25 3.84 -25.71
C LYS A 195 14.52 4.45 -24.53
N SER A 196 13.38 5.09 -24.77
CA SER A 196 12.66 5.49 -23.58
C SER A 196 12.03 4.29 -22.89
N ASP A 197 11.69 3.21 -23.64
CA ASP A 197 11.28 1.94 -23.01
C ASP A 197 12.42 1.36 -22.14
N VAL A 198 13.65 1.50 -22.61
CA VAL A 198 14.77 1.00 -21.81
C VAL A 198 14.84 1.75 -20.49
N TRP A 199 14.65 3.06 -20.49
CA TRP A 199 14.58 3.79 -19.23
C TRP A 199 13.53 3.17 -18.31
N SER A 200 12.30 2.96 -18.85
CA SER A 200 11.19 2.41 -18.09
C SER A 200 11.59 1.05 -17.53
N PHE A 201 12.30 0.24 -18.33
CA PHE A 201 12.78 -1.07 -17.86
C PHE A 201 13.67 -0.93 -16.63
N GLY A 202 14.53 0.10 -16.62
CA GLY A 202 15.33 0.35 -15.40
C GLY A 202 14.45 0.65 -14.20
N ILE A 203 13.36 1.42 -14.41
CA ILE A 203 12.43 1.66 -13.29
C ILE A 203 11.76 0.35 -12.86
N LEU A 204 11.36 -0.45 -13.83
CA LEU A 204 10.77 -1.76 -13.53
C LEU A 204 11.72 -2.63 -12.72
N LEU A 205 13.04 -2.50 -12.96
CA LEU A 205 13.98 -3.26 -12.14
C LEU A 205 13.90 -2.85 -10.67
N THR A 206 13.67 -1.56 -10.37
CA THR A 206 13.46 -1.17 -8.99
C THR A 206 12.14 -1.71 -8.45
N GLU A 207 11.06 -1.75 -9.25
CA GLU A 207 9.85 -2.38 -8.75
C GLU A 207 10.11 -3.84 -8.41
N LEU A 208 10.84 -4.58 -9.25
CA LEU A 208 11.14 -5.96 -8.88
C LEU A 208 11.90 -6.03 -7.57
N THR A 209 12.91 -5.20 -7.40
CA THR A 209 13.79 -5.40 -6.24
C THR A 209 13.23 -4.79 -4.99
N THR A 210 12.13 -4.03 -5.11
CA THR A 210 11.48 -3.58 -3.89
C THR A 210 10.15 -4.27 -3.65
N LYS A 211 9.86 -5.35 -4.38
CA LYS A 211 8.62 -6.10 -4.21
C LYS A 211 7.42 -5.18 -4.46
N GLY A 212 7.57 -4.32 -5.45
CA GLY A 212 6.41 -3.62 -6.00
C GLY A 212 6.16 -2.22 -5.48
N ARG A 213 7.11 -1.64 -4.77
CA ARG A 213 6.84 -0.30 -4.23
C ARG A 213 6.87 0.72 -5.35
N VAL A 214 6.12 1.78 -5.15
CA VAL A 214 6.12 2.92 -6.11
C VAL A 214 7.53 3.52 -6.14
N PRO A 215 8.08 3.79 -7.32
CA PRO A 215 9.42 4.42 -7.38
C PRO A 215 9.43 5.86 -6.83
N TYR A 216 10.66 6.36 -6.61
CA TYR A 216 10.93 7.66 -6.00
C TYR A 216 10.07 7.87 -4.75
N PRO A 217 10.21 7.02 -3.75
CA PRO A 217 9.25 7.07 -2.62
C PRO A 217 9.26 8.42 -1.92
N GLY A 218 8.06 8.95 -1.66
CA GLY A 218 7.86 10.24 -1.03
C GLY A 218 7.99 11.44 -1.96
N MET A 219 8.32 11.24 -3.23
CA MET A 219 8.38 12.34 -4.19
C MET A 219 7.11 12.33 -5.06
N VAL A 220 6.57 13.52 -5.32
CA VAL A 220 5.48 13.68 -6.29
C VAL A 220 6.06 13.88 -7.67
N ASN A 221 5.21 13.80 -8.69
CA ASN A 221 5.64 13.91 -10.09
C ASN A 221 6.54 15.11 -10.35
N ARG A 222 6.11 16.32 -9.92
CA ARG A 222 6.84 17.55 -10.19
C ARG A 222 8.24 17.49 -9.60
N GLU A 223 8.39 16.88 -8.41
CA GLU A 223 9.74 16.73 -7.86
C GLU A 223 10.56 15.77 -8.71
N VAL A 224 9.93 14.67 -9.16
CA VAL A 224 10.68 13.66 -9.93
C VAL A 224 11.27 14.25 -11.19
N LEU A 225 10.45 14.92 -11.99
CA LEU A 225 10.92 15.43 -13.27
C LEU A 225 12.06 16.42 -13.09
N ASP A 226 11.95 17.30 -12.11
CA ASP A 226 12.99 18.30 -11.87
C ASP A 226 14.24 17.67 -11.27
N GLN A 227 14.04 16.68 -10.40
CA GLN A 227 15.16 16.01 -9.77
C GLN A 227 15.93 15.19 -10.80
N VAL A 228 15.22 14.43 -11.62
CA VAL A 228 15.87 13.62 -12.65
C VAL A 228 16.59 14.52 -13.66
N GLU A 229 15.99 15.65 -14.01
CA GLU A 229 16.64 16.57 -14.94
C GLU A 229 17.91 17.14 -14.36
N ARG A 230 17.98 17.21 -13.05
CA ARG A 230 19.18 17.70 -12.38
C ARG A 230 20.20 16.58 -12.23
N GLY A 231 19.82 15.34 -12.54
CA GLY A 231 20.76 14.27 -12.45
C GLY A 231 20.51 13.29 -11.32
N TYR A 232 19.49 13.52 -10.47
CA TYR A 232 19.11 12.53 -9.46
C TYR A 232 18.75 11.19 -10.08
N ARG A 233 19.19 10.10 -9.44
CA ARG A 233 18.72 8.77 -9.79
C ARG A 233 18.45 8.01 -8.50
N MET A 234 17.48 7.10 -8.54
CA MET A 234 17.23 6.31 -7.36
C MET A 234 18.52 5.60 -6.90
N PRO A 235 18.75 5.53 -5.60
CA PRO A 235 19.90 4.78 -5.08
C PRO A 235 19.68 3.27 -5.15
N CYS A 236 20.73 2.54 -4.84
CA CYS A 236 20.65 1.07 -4.86
C CYS A 236 19.65 0.63 -3.77
N PRO A 237 18.61 -0.15 -4.11
CA PRO A 237 17.68 -0.64 -3.08
C PRO A 237 18.36 -1.56 -2.08
N PRO A 238 17.85 -1.62 -0.84
CA PRO A 238 18.46 -2.51 0.18
C PRO A 238 18.56 -3.95 -0.28
N GLU A 239 19.74 -4.56 -0.03
CA GLU A 239 20.13 -5.92 -0.39
C GLU A 239 20.24 -6.16 -1.89
N CYS A 240 20.13 -5.14 -2.70
CA CYS A 240 20.29 -5.34 -4.14
C CYS A 240 21.76 -5.17 -4.49
N PRO A 241 22.38 -6.06 -5.27
CA PRO A 241 23.81 -5.86 -5.59
C PRO A 241 24.03 -4.59 -6.36
N GLU A 242 25.19 -4.00 -6.10
CA GLU A 242 25.52 -2.80 -6.83
C GLU A 242 25.59 -3.05 -8.32
N SER A 243 25.96 -4.29 -8.76
CA SER A 243 26.06 -4.51 -10.20
C SER A 243 24.70 -4.42 -10.87
N LEU A 244 23.64 -4.80 -10.14
CA LEU A 244 22.29 -4.63 -10.76
C LEU A 244 21.86 -3.18 -10.70
N HIS A 245 22.20 -2.45 -9.65
CA HIS A 245 21.93 -1.01 -9.69
C HIS A 245 22.78 -0.31 -10.78
N ASP A 246 23.99 -0.78 -11.03
CA ASP A 246 24.73 -0.22 -12.15
C ASP A 246 23.96 -0.39 -13.47
N LEU A 247 23.36 -1.57 -13.67
CA LEU A 247 22.54 -1.79 -14.87
C LEU A 247 21.38 -0.81 -14.92
N MET A 248 20.71 -0.58 -13.77
CA MET A 248 19.64 0.42 -13.79
C MET A 248 20.16 1.76 -14.26
N CYS A 249 21.31 2.14 -13.75
CA CYS A 249 21.85 3.44 -14.08
C CYS A 249 22.24 3.54 -15.56
N GLN A 250 22.63 2.41 -16.19
CA GLN A 250 22.83 2.43 -17.64
C GLN A 250 21.50 2.67 -18.33
N CYS A 251 20.42 2.07 -17.82
CA CYS A 251 19.11 2.33 -18.47
C CYS A 251 18.69 3.78 -18.30
N TRP A 252 19.23 4.47 -17.29
CA TRP A 252 18.83 5.82 -16.98
C TRP A 252 19.85 6.85 -17.45
N ARG A 253 20.70 6.50 -18.42
CA ARG A 253 21.59 7.49 -18.98
C ARG A 253 20.77 8.62 -19.58
N LYS A 254 21.26 9.86 -19.40
CA LYS A 254 20.51 11.00 -19.91
C LYS A 254 20.41 10.94 -21.43
N ASP A 255 21.49 10.56 -22.12
CA ASP A 255 21.46 10.45 -23.59
C ASP A 255 20.85 9.12 -23.97
N PRO A 256 19.73 9.12 -24.70
CA PRO A 256 19.07 7.86 -25.00
C PRO A 256 19.90 6.89 -25.81
N GLU A 257 20.74 7.37 -26.76
CA GLU A 257 21.53 6.44 -27.58
C GLU A 257 22.60 5.73 -26.77
N GLU A 258 22.90 6.21 -25.55
CA GLU A 258 23.87 5.55 -24.70
C GLU A 258 23.25 4.49 -23.80
N ARG A 259 21.96 4.38 -23.80
CA ARG A 259 21.34 3.32 -22.99
C ARG A 259 21.53 1.96 -23.68
N PRO A 260 21.52 0.85 -22.94
CA PRO A 260 21.74 -0.46 -23.58
C PRO A 260 20.52 -0.87 -24.42
N THR A 261 20.74 -1.81 -25.32
CA THR A 261 19.62 -2.41 -26.03
C THR A 261 18.92 -3.43 -25.12
N PHE A 262 17.72 -3.84 -25.50
CA PHE A 262 17.10 -4.94 -24.81
C PHE A 262 17.81 -6.26 -25.09
N GLU A 263 18.35 -6.43 -26.29
CA GLU A 263 19.17 -7.60 -26.58
C GLU A 263 20.29 -7.71 -25.54
N TYR A 264 20.98 -6.58 -25.27
CA TYR A 264 22.03 -6.60 -24.25
C TYR A 264 21.46 -6.94 -22.84
N LEU A 265 20.36 -6.26 -22.48
CA LEU A 265 19.76 -6.45 -21.15
C LEU A 265 19.34 -7.89 -20.93
N GLN A 266 18.77 -8.49 -21.97
CA GLN A 266 18.34 -9.86 -21.87
C GLN A 266 19.54 -10.77 -21.59
N ALA A 267 20.63 -10.58 -22.34
CA ALA A 267 21.80 -11.46 -22.17
C ALA A 267 22.45 -11.26 -20.82
N PHE A 268 22.56 -9.99 -20.38
CA PHE A 268 23.13 -9.71 -19.08
C PHE A 268 22.33 -10.39 -17.97
N LEU A 269 21.02 -10.36 -18.06
CA LEU A 269 20.21 -10.86 -16.95
C LEU A 269 20.15 -12.35 -16.97
N GLU A 270 20.14 -12.95 -18.17
CA GLU A 270 20.20 -14.40 -18.27
C GLU A 270 21.46 -14.93 -17.63
N ASP A 271 22.59 -14.23 -17.84
CA ASP A 271 23.87 -14.75 -17.41
C ASP A 271 24.26 -14.25 -16.04
N TYR A 272 23.37 -13.49 -15.39
CA TYR A 272 23.78 -12.66 -14.24
C TYR A 272 24.50 -13.44 -13.14
N PHE A 273 23.94 -14.60 -12.73
CA PHE A 273 24.52 -15.30 -11.58
C PHE A 273 25.77 -16.10 -11.88
N THR A 274 26.18 -16.18 -13.13
CA THR A 274 27.48 -16.79 -13.45
C THR A 274 28.51 -15.73 -13.79
N SER A 275 28.13 -14.76 -14.61
CA SER A 275 29.13 -13.82 -15.12
C SER A 275 29.30 -12.59 -14.25
N THR A 276 28.27 -12.19 -13.48
CA THR A 276 28.26 -10.90 -12.80
C THR A 276 28.24 -11.01 -11.30
N GLU A 277 27.45 -11.92 -10.75
CA GLU A 277 27.38 -12.12 -9.29
C GLU A 277 27.58 -13.59 -8.96
N PRO A 278 28.75 -14.16 -9.29
CA PRO A 278 28.99 -15.59 -9.01
C PRO A 278 29.02 -15.89 -7.52
N GLN A 279 29.19 -14.91 -6.66
CA GLN A 279 29.18 -15.31 -5.26
C GLN A 279 27.98 -14.70 -4.52
N TYR A 280 26.87 -14.53 -5.24
CA TYR A 280 25.63 -14.13 -4.60
C TYR A 280 25.25 -15.13 -3.51
N GLN A 281 24.83 -14.62 -2.34
CA GLN A 281 24.24 -15.45 -1.30
C GLN A 281 22.87 -14.89 -0.91
N PRO A 282 21.88 -15.76 -0.69
CA PRO A 282 20.53 -15.28 -0.32
C PRO A 282 20.54 -14.47 0.97
N GLY A 283 19.72 -13.41 1.01
CA GLY A 283 19.50 -12.64 2.21
C GLY A 283 18.07 -12.76 2.71
N GLU A 284 17.69 -11.82 3.56
CA GLU A 284 16.37 -11.89 4.15
C GLU A 284 15.29 -11.52 3.15
N ASN A 285 15.55 -10.58 2.28
CA ASN A 285 14.56 -10.14 1.30
C ASN A 285 14.95 -10.37 -0.15
N LEU A 286 16.24 -10.25 -0.51
CA LEU A 286 16.68 -10.53 -1.87
C LEU A 286 17.80 -11.55 -1.83
N GLY B 7 15.19 9.40 49.46
CA GLY B 7 14.41 9.36 48.24
C GLY B 7 14.79 8.20 47.34
N LEU B 8 13.83 7.72 46.55
CA LEU B 8 14.07 6.60 45.65
C LEU B 8 14.87 7.05 44.42
N ALA B 9 15.66 6.14 43.86
CA ALA B 9 16.49 6.43 42.71
C ALA B 9 15.64 6.66 41.47
N LYS B 10 15.78 7.85 40.89
CA LYS B 10 15.05 8.21 39.69
C LYS B 10 15.99 8.16 38.49
N ASP B 11 15.43 8.19 37.28
CA ASP B 11 16.26 8.17 36.08
C ASP B 11 16.32 9.53 35.39
N ALA B 12 17.01 9.57 34.25
CA ALA B 12 17.24 10.75 33.49
C ALA B 12 15.96 11.24 32.82
N TRP B 13 14.86 10.47 32.99
CA TRP B 13 13.52 10.92 32.62
C TRP B 13 12.84 11.75 33.71
N GLU B 14 13.31 11.67 34.95
CA GLU B 14 12.59 12.30 36.05
C GLU B 14 12.75 13.81 35.99
N ILE B 15 11.70 14.55 36.32
CA ILE B 15 11.85 16.01 36.44
C ILE B 15 11.24 16.46 37.75
N PRO B 16 11.60 17.66 38.20
CA PRO B 16 10.97 18.18 39.42
C PRO B 16 9.60 18.76 39.05
N ARG B 17 8.62 18.57 39.93
CA ARG B 17 7.26 19.05 39.68
C ARG B 17 7.13 20.55 39.43
N GLU B 18 8.05 21.34 39.99
CA GLU B 18 8.02 22.79 39.85
C GLU B 18 8.30 23.26 38.42
N SER B 19 8.86 22.39 37.59
CA SER B 19 9.16 22.74 36.22
C SER B 19 7.93 22.55 35.31
N LEU B 20 6.84 22.08 35.91
CA LEU B 20 5.59 21.84 35.20
C LEU B 20 4.50 22.82 35.63
N ARG B 21 3.80 23.39 34.65
CA ARG B 21 2.58 24.14 34.90
C ARG B 21 1.46 23.47 34.12
N LEU B 22 0.38 23.11 34.81
CA LEU B 22 -0.82 22.53 34.21
C LEU B 22 -1.82 23.65 33.97
N GLU B 23 -2.30 23.78 32.74
CA GLU B 23 -3.06 24.96 32.34
C GLU B 23 -4.52 24.65 32.01
N VAL B 24 -4.77 23.78 31.04
CA VAL B 24 -6.09 23.52 30.46
C VAL B 24 -6.34 22.02 30.46
N LYS B 25 -7.49 21.60 30.92
CA LYS B 25 -7.82 20.18 30.88
C LYS B 25 -8.20 19.74 29.47
N LEU B 26 -7.63 18.63 29.01
CA LEU B 26 -7.89 18.13 27.65
C LEU B 26 -8.86 16.96 27.60
N GLY B 27 -8.89 16.11 28.61
CA GLY B 27 -9.82 15.01 28.67
C GLY B 27 -9.82 14.43 30.06
N GLN B 28 -10.84 13.64 30.35
CA GLN B 28 -11.00 13.03 31.65
C GLN B 28 -11.25 11.54 31.47
N GLY B 29 -10.73 10.74 32.40
CA GLY B 29 -10.91 9.30 32.35
C GLY B 29 -11.18 8.77 33.74
N CYS B 30 -11.34 7.46 33.86
CA CYS B 30 -11.58 6.88 35.18
C CYS B 30 -10.32 6.90 36.04
N PHE B 31 -9.17 6.82 35.41
CA PHE B 31 -7.89 6.80 36.13
C PHE B 31 -7.29 8.18 36.39
N GLY B 32 -7.68 9.17 35.59
CA GLY B 32 -7.16 10.50 35.75
C GLY B 32 -7.57 11.40 34.60
N GLU B 33 -6.78 12.45 34.40
CA GLU B 33 -7.09 13.44 33.40
C GLU B 33 -5.84 13.65 32.55
N VAL B 34 -6.06 14.29 31.41
CA VAL B 34 -4.95 14.79 30.59
C VAL B 34 -5.10 16.29 30.52
N TRP B 35 -4.00 16.99 30.80
CA TRP B 35 -3.94 18.43 30.81
C TRP B 35 -2.92 18.90 29.79
N MET B 36 -3.19 20.07 29.21
CA MET B 36 -2.17 20.79 28.48
C MET B 36 -1.40 21.68 29.43
N GLY B 37 -0.09 21.75 29.25
CA GLY B 37 0.67 22.58 30.15
C GLY B 37 1.99 22.98 29.54
N THR B 38 2.87 23.49 30.40
CA THR B 38 4.14 24.06 29.99
C THR B 38 5.23 23.42 30.80
N TRP B 39 6.33 23.07 30.15
CA TRP B 39 7.47 22.47 30.81
C TRP B 39 8.64 23.44 30.71
N ASN B 40 9.23 23.77 31.85
CA ASN B 40 10.37 24.70 31.93
C ASN B 40 10.02 26.10 31.41
N GLY B 41 8.75 26.48 31.50
CA GLY B 41 8.28 27.76 31.00
C GLY B 41 8.26 27.89 29.50
N THR B 42 8.91 26.99 28.77
CA THR B 42 9.17 27.15 27.37
C THR B 42 8.49 26.10 26.48
N THR B 43 8.25 24.89 26.99
CA THR B 43 7.83 23.78 26.14
C THR B 43 6.37 23.45 26.44
N ARG B 44 5.53 23.47 25.41
CA ARG B 44 4.15 23.07 25.58
C ARG B 44 4.08 21.54 25.60
N VAL B 45 3.34 20.99 26.57
CA VAL B 45 3.33 19.54 26.79
C VAL B 45 1.89 19.11 27.08
N ALA B 46 1.67 17.81 27.02
CA ALA B 46 0.50 17.19 27.59
C ALA B 46 0.92 16.41 28.82
N ILE B 47 0.02 16.31 29.80
CA ILE B 47 0.31 15.79 31.13
C ILE B 47 -0.84 14.88 31.56
N LYS B 48 -0.52 13.64 31.84
CA LYS B 48 -1.50 12.65 32.33
C LYS B 48 -1.38 12.56 33.83
N THR B 49 -2.54 12.65 34.51
CA THR B 49 -2.63 12.60 35.97
C THR B 49 -3.35 11.34 36.40
N LEU B 50 -3.21 11.01 37.68
CA LEU B 50 -3.84 9.84 38.27
C LEU B 50 -4.82 10.29 39.36
N LYS B 51 -6.08 9.88 39.24
CA LYS B 51 -7.10 10.21 40.22
C LYS B 51 -6.82 9.46 41.52
N PRO B 52 -6.89 10.17 42.66
CA PRO B 52 -6.64 9.54 43.97
C PRO B 52 -7.49 8.30 44.19
N GLY B 53 -6.84 7.17 44.43
CA GLY B 53 -7.53 5.92 44.67
C GLY B 53 -8.08 5.19 43.46
N THR B 54 -7.82 5.72 42.25
CA THR B 54 -8.30 5.09 41.03
C THR B 54 -7.56 3.80 40.73
N MET B 55 -6.24 3.86 40.81
CA MET B 55 -5.39 2.71 40.54
C MET B 55 -4.08 2.91 41.30
N SER B 56 -3.40 1.80 41.55
CA SER B 56 -2.10 1.83 42.21
C SER B 56 -1.17 2.83 41.54
N PRO B 57 -0.45 3.65 42.29
CA PRO B 57 0.62 4.45 41.68
C PRO B 57 1.65 3.63 40.92
N GLU B 58 2.08 2.46 41.44
CA GLU B 58 2.99 1.64 40.66
C GLU B 58 2.33 1.12 39.40
N ALA B 59 1.04 0.79 39.46
CA ALA B 59 0.36 0.38 38.23
C ALA B 59 0.36 1.53 37.23
N PHE B 60 0.09 2.73 37.70
CA PHE B 60 0.10 3.90 36.81
C PHE B 60 1.49 4.14 36.22
N LEU B 61 2.54 4.01 37.05
CA LEU B 61 3.91 4.23 36.59
C LEU B 61 4.34 3.21 35.55
N GLN B 62 3.71 2.05 35.54
CA GLN B 62 4.09 1.01 34.58
C GLN B 62 3.93 1.53 33.16
N GLU B 63 2.90 2.34 32.98
CA GLU B 63 2.66 3.00 31.69
C GLU B 63 3.89 3.78 31.23
N ALA B 64 4.41 4.62 32.12
CA ALA B 64 5.62 5.36 31.80
C ALA B 64 6.79 4.42 31.46
N GLN B 65 6.88 3.28 32.15
CA GLN B 65 7.99 2.36 31.89
C GLN B 65 7.92 1.81 30.47
N VAL B 66 6.71 1.56 29.97
CA VAL B 66 6.61 1.09 28.61
C VAL B 66 7.02 2.19 27.63
N MET B 67 6.55 3.41 27.88
CA MET B 67 6.81 4.50 26.96
C MET B 67 8.28 4.89 26.93
N LYS B 68 9.03 4.59 27.98
CA LYS B 68 10.46 4.91 27.95
C LYS B 68 11.20 4.11 26.88
N LYS B 69 10.68 2.96 26.51
CA LYS B 69 11.32 2.11 25.52
C LYS B 69 10.84 2.31 24.08
N LEU B 70 9.84 3.15 23.87
CA LEU B 70 9.28 3.33 22.56
C LEU B 70 9.62 4.72 22.03
N ARG B 71 10.09 4.80 20.79
CA ARG B 71 10.42 6.09 20.18
C ARG B 71 10.17 5.97 18.69
N HIS B 72 9.13 6.64 18.19
CA HIS B 72 8.85 6.62 16.76
C HIS B 72 8.03 7.87 16.44
N GLU B 73 8.21 8.40 15.23
CA GLU B 73 7.57 9.66 14.89
C GLU B 73 6.05 9.55 14.87
N LYS B 74 5.49 8.34 14.79
CA LYS B 74 4.03 8.16 14.73
C LYS B 74 3.45 7.57 16.00
N LEU B 75 4.21 7.60 17.11
CA LEU B 75 3.68 7.29 18.42
C LEU B 75 3.86 8.51 19.29
N VAL B 76 2.89 8.80 20.18
CA VAL B 76 3.05 9.96 21.07
C VAL B 76 4.29 9.76 21.94
N GLN B 77 5.11 10.82 22.06
CA GLN B 77 6.46 10.70 22.63
C GLN B 77 6.50 11.11 24.10
N LEU B 78 7.00 10.20 24.95
CA LEU B 78 7.28 10.57 26.32
C LEU B 78 8.35 11.67 26.37
N TYR B 79 8.12 12.67 27.21
CA TYR B 79 9.13 13.69 27.52
C TYR B 79 9.74 13.53 28.91
N ALA B 80 8.92 13.26 29.95
CA ALA B 80 9.38 13.35 31.32
C ALA B 80 8.39 12.61 32.21
N VAL B 81 8.83 12.32 33.43
CA VAL B 81 7.90 11.71 34.37
C VAL B 81 8.15 12.36 35.72
N VAL B 82 7.08 12.56 36.49
CA VAL B 82 7.16 12.90 37.90
C VAL B 82 6.63 11.69 38.68
N SER B 83 7.55 10.97 39.34
CA SER B 83 7.28 9.63 39.85
C SER B 83 6.91 9.61 41.32
N GLU B 84 6.74 10.78 41.93
CA GLU B 84 6.32 10.87 43.32
C GLU B 84 4.94 11.52 43.36
N GLU B 85 4.02 10.94 44.13
CA GLU B 85 2.65 11.45 44.26
C GLU B 85 2.59 12.95 44.55
N PRO B 86 1.81 13.71 43.75
CA PRO B 86 0.99 13.29 42.61
C PRO B 86 1.84 13.03 41.36
N ILE B 87 1.68 11.85 40.79
CA ILE B 87 2.45 11.44 39.63
C ILE B 87 1.99 12.07 38.31
N TYR B 88 2.93 12.42 37.47
CA TYR B 88 2.60 12.96 36.16
C TYR B 88 3.36 12.21 35.09
N ILE B 89 2.71 11.93 33.97
CA ILE B 89 3.40 11.46 32.77
C ILE B 89 3.31 12.57 31.75
N VAL B 90 4.46 13.01 31.23
CA VAL B 90 4.53 14.20 30.37
C VAL B 90 4.95 13.81 28.95
N THR B 91 4.20 14.26 27.95
CA THR B 91 4.47 13.91 26.55
C THR B 91 4.36 15.17 25.71
N GLU B 92 4.67 15.00 24.42
CA GLU B 92 4.47 16.02 23.42
C GLU B 92 2.99 16.33 23.32
N TYR B 93 2.69 17.54 22.85
CA TYR B 93 1.32 18.02 22.72
C TYR B 93 0.90 17.94 21.25
N MET B 94 -0.35 17.48 21.01
CA MET B 94 -0.91 17.29 19.66
C MET B 94 -2.09 18.23 19.49
N SER B 95 -1.93 19.26 18.67
CA SER B 95 -2.78 20.44 18.72
C SER B 95 -4.19 20.21 18.20
N LYS B 96 -4.43 19.12 17.50
CA LYS B 96 -5.76 18.91 16.94
C LYS B 96 -6.63 17.92 17.71
N GLY B 97 -6.08 17.35 18.77
CA GLY B 97 -6.89 16.46 19.63
C GLY B 97 -7.08 15.05 19.09
N SER B 98 -8.10 14.34 19.59
CA SER B 98 -8.25 12.95 19.14
C SER B 98 -8.81 12.85 17.73
N LEU B 99 -8.38 11.81 17.01
CA LEU B 99 -8.85 11.56 15.66
C LEU B 99 -10.37 11.36 15.65
N LEU B 100 -10.92 10.64 16.63
CA LEU B 100 -12.39 10.49 16.67
C LEU B 100 -13.08 11.85 16.70
N ASP B 101 -12.63 12.74 17.62
CA ASP B 101 -13.30 14.04 17.69
C ASP B 101 -13.13 14.82 16.38
N PHE B 102 -11.96 14.70 15.76
CA PHE B 102 -11.66 15.40 14.51
C PHE B 102 -12.55 14.89 13.38
N LEU B 103 -12.73 13.56 13.28
CA LEU B 103 -13.62 13.01 12.25
C LEU B 103 -15.07 13.45 12.43
N LYS B 104 -15.53 13.49 13.68
CA LYS B 104 -16.93 13.85 14.00
C LYS B 104 -17.20 15.35 13.92
N GLY B 105 -16.17 16.16 14.06
CA GLY B 105 -16.34 17.58 14.22
C GLY B 105 -16.43 18.31 12.90
N GLU B 106 -16.37 19.65 13.00
CA GLU B 106 -16.56 20.54 11.87
C GLU B 106 -15.61 20.22 10.71
N MET B 107 -14.38 19.83 10.99
CA MET B 107 -13.41 19.57 9.92
C MET B 107 -13.66 18.26 9.20
N GLY B 108 -14.22 17.29 9.89
CA GLY B 108 -14.33 15.98 9.30
C GLY B 108 -15.20 15.92 8.08
N LYS B 109 -16.25 16.74 8.03
CA LYS B 109 -17.10 16.75 6.87
C LYS B 109 -16.27 17.03 5.61
N TYR B 110 -15.13 17.72 5.73
CA TYR B 110 -14.42 18.11 4.50
C TYR B 110 -13.33 17.12 4.06
N LEU B 111 -12.94 16.21 4.93
CA LEU B 111 -11.93 15.19 4.62
C LEU B 111 -12.43 14.28 3.51
N ARG B 112 -11.55 13.97 2.55
CA ARG B 112 -11.87 13.01 1.51
C ARG B 112 -10.87 11.87 1.52
N LEU B 113 -11.09 10.95 0.60
CA LEU B 113 -10.35 9.68 0.75
C LEU B 113 -8.84 9.87 0.76
N PRO B 114 -8.24 10.75 -0.05
CA PRO B 114 -6.76 10.84 0.02
C PRO B 114 -6.23 11.25 1.38
N GLN B 115 -6.92 12.19 2.06
CA GLN B 115 -6.46 12.56 3.40
C GLN B 115 -6.68 11.43 4.37
N LEU B 116 -7.82 10.75 4.25
CA LEU B 116 -8.14 9.68 5.21
C LEU B 116 -7.20 8.49 5.05
N VAL B 117 -6.88 8.13 3.81
CA VAL B 117 -5.92 7.04 3.60
C VAL B 117 -4.54 7.45 4.09
N ASP B 118 -4.16 8.71 3.88
CA ASP B 118 -2.87 9.16 4.43
C ASP B 118 -2.84 9.06 5.95
N MET B 119 -3.93 9.47 6.63
CA MET B 119 -3.99 9.26 8.07
C MET B 119 -3.84 7.77 8.40
N ALA B 120 -4.55 6.89 7.69
CA ALA B 120 -4.41 5.45 7.99
C ALA B 120 -2.97 4.99 7.80
N ALA B 121 -2.30 5.49 6.73
CA ALA B 121 -0.93 5.04 6.47
C ALA B 121 0.01 5.45 7.60
N GLN B 122 -0.24 6.64 8.18
CA GLN B 122 0.60 7.08 9.29
C GLN B 122 0.36 6.18 10.51
N ILE B 123 -0.90 5.90 10.82
CA ILE B 123 -1.22 5.00 11.92
C ILE B 123 -0.60 3.62 11.66
N ALA B 124 -0.70 3.13 10.41
CA ALA B 124 -0.04 1.83 10.13
C ALA B 124 1.45 1.88 10.34
N SER B 125 2.05 3.04 10.01
CA SER B 125 3.49 3.17 10.25
C SER B 125 3.83 3.04 11.74
N GLY B 126 3.08 3.76 12.59
CA GLY B 126 3.27 3.65 14.02
C GLY B 126 3.06 2.23 14.50
N MET B 127 2.00 1.59 14.01
CA MET B 127 1.77 0.21 14.45
C MET B 127 2.77 -0.75 13.86
N ALA B 128 3.37 -0.41 12.68
CA ALA B 128 4.46 -1.26 12.18
C ALA B 128 5.67 -1.18 13.09
N TYR B 129 5.92 -0.04 13.71
CA TYR B 129 6.98 0.04 14.70
C TYR B 129 6.63 -0.78 15.95
N VAL B 130 5.39 -0.65 16.44
CA VAL B 130 4.94 -1.52 17.57
C VAL B 130 5.15 -2.98 17.23
N GLU B 131 4.85 -3.33 15.98
CA GLU B 131 5.02 -4.68 15.46
C GLU B 131 6.49 -5.13 15.51
N ARG B 132 7.37 -4.28 15.01
CA ARG B 132 8.82 -4.59 14.98
C ARG B 132 9.39 -4.74 16.37
N MET B 133 8.86 -3.97 17.32
CA MET B 133 9.33 -3.94 18.69
C MET B 133 8.74 -5.06 19.51
N ASN B 134 7.82 -5.85 18.92
CA ASN B 134 7.17 -6.98 19.59
C ASN B 134 6.30 -6.51 20.76
N TYR B 135 5.62 -5.36 20.58
CA TYR B 135 4.61 -4.92 21.54
C TYR B 135 3.23 -5.17 20.95
N VAL B 136 2.23 -4.99 21.80
CA VAL B 136 0.83 -5.14 21.39
C VAL B 136 0.07 -3.95 21.98
N HIS B 137 -0.83 -3.35 21.20
CA HIS B 137 -1.49 -2.16 21.71
C HIS B 137 -2.64 -2.54 22.63
N ARG B 138 -3.57 -3.31 22.07
CA ARG B 138 -4.75 -3.84 22.75
C ARG B 138 -6.01 -3.01 22.64
N ASP B 139 -5.89 -1.74 22.30
CA ASP B 139 -7.10 -0.90 22.21
C ASP B 139 -6.92 0.14 21.11
N LEU B 140 -6.48 -0.30 19.92
CA LEU B 140 -6.33 0.59 18.80
C LEU B 140 -7.71 0.96 18.23
N ARG B 141 -7.98 2.25 18.18
CA ARG B 141 -9.22 2.80 17.66
C ARG B 141 -9.04 4.30 17.49
N ALA B 142 -9.96 4.95 16.82
CA ALA B 142 -9.73 6.37 16.51
C ALA B 142 -9.68 7.23 17.77
N ALA B 143 -10.35 6.80 18.84
CA ALA B 143 -10.28 7.58 20.09
C ALA B 143 -8.88 7.53 20.72
N ASN B 144 -8.08 6.58 20.30
CA ASN B 144 -6.68 6.49 20.81
C ASN B 144 -5.65 6.98 19.78
N ILE B 145 -6.08 7.73 18.77
CA ILE B 145 -5.14 8.38 17.83
C ILE B 145 -5.22 9.88 18.07
N LEU B 146 -4.07 10.57 18.00
CA LEU B 146 -4.03 12.03 18.16
C LEU B 146 -3.65 12.65 16.82
N VAL B 147 -4.18 13.87 16.54
CA VAL B 147 -3.94 14.63 15.30
C VAL B 147 -3.19 15.91 15.64
N GLY B 148 -2.17 16.24 14.82
CA GLY B 148 -1.40 17.43 15.06
C GLY B 148 -1.32 18.35 13.87
N GLU B 149 -0.35 19.26 13.90
CA GLU B 149 -0.17 20.15 12.76
C GLU B 149 0.12 19.34 11.48
N ASN B 150 -0.39 19.86 10.37
CA ASN B 150 -0.27 19.26 9.04
C ASN B 150 -0.95 17.88 8.98
N LEU B 151 -1.88 17.63 9.89
CA LEU B 151 -2.68 16.39 9.96
C LEU B 151 -1.76 15.17 10.22
N VAL B 152 -0.65 15.39 10.92
CA VAL B 152 0.11 14.24 11.42
C VAL B 152 -0.76 13.50 12.41
N CYS B 153 -0.73 12.15 12.36
CA CYS B 153 -1.46 11.31 13.28
C CYS B 153 -0.48 10.44 14.05
N LYS B 154 -0.76 10.22 15.34
CA LYS B 154 0.13 9.45 16.20
C LYS B 154 -0.71 8.52 17.05
N VAL B 155 -0.18 7.33 17.23
CA VAL B 155 -0.82 6.36 18.10
C VAL B 155 -0.63 6.77 19.56
N ALA B 156 -1.67 6.59 20.37
CA ALA B 156 -1.67 6.91 21.78
C ALA B 156 -2.41 5.82 22.54
N ASP B 157 -2.49 5.94 23.85
CA ASP B 157 -3.28 4.97 24.62
C ASP B 157 -3.79 5.74 25.81
N PHE B 158 -5.10 5.92 25.88
CA PHE B 158 -5.64 6.65 27.02
C PHE B 158 -6.30 5.76 28.04
N GLY B 159 -6.18 4.46 27.92
CA GLY B 159 -6.70 3.57 28.94
C GLY B 159 -8.21 3.68 29.02
N LEU B 160 -8.83 3.51 27.85
CA LEU B 160 -10.27 3.65 27.70
C LEU B 160 -11.04 2.36 28.03
N ALA B 161 -10.35 1.23 28.05
CA ALA B 161 -10.94 -0.09 28.28
C ALA B 161 -10.68 -0.57 29.71
N PHE B 177 -16.07 -2.16 27.76
CA PHE B 177 -15.71 -3.35 27.01
C PHE B 177 -15.88 -3.07 25.52
N PRO B 178 -14.76 -2.69 24.84
CA PRO B 178 -14.83 -2.31 23.41
C PRO B 178 -14.84 -3.52 22.48
N ILE B 179 -15.86 -4.39 22.69
CA ILE B 179 -16.00 -5.59 21.87
C ILE B 179 -16.04 -5.24 20.39
N LYS B 180 -16.63 -4.09 20.07
CA LYS B 180 -16.79 -3.69 18.67
C LYS B 180 -15.48 -3.50 17.92
N TRP B 181 -14.41 -3.18 18.65
CA TRP B 181 -13.09 -2.98 18.04
C TRP B 181 -12.13 -4.16 18.25
N THR B 182 -12.52 -5.14 19.02
CA THR B 182 -11.60 -6.19 19.47
C THR B 182 -11.79 -7.45 18.66
N ALA B 183 -10.69 -8.08 18.28
CA ALA B 183 -10.80 -9.34 17.58
C ALA B 183 -11.47 -10.39 18.48
N PRO B 184 -12.26 -11.26 17.90
CA PRO B 184 -13.01 -12.23 18.73
C PRO B 184 -12.11 -13.11 19.59
N GLU B 185 -10.93 -13.55 19.11
CA GLU B 185 -10.13 -14.40 19.99
C GLU B 185 -9.57 -13.61 21.18
N ALA B 186 -9.43 -12.30 21.03
CA ALA B 186 -9.01 -11.46 22.14
C ALA B 186 -10.16 -11.20 23.10
N ALA B 187 -11.35 -10.87 22.58
CA ALA B 187 -12.52 -10.60 23.40
C ALA B 187 -12.97 -11.84 24.13
N LEU B 188 -12.90 -12.99 23.48
CA LEU B 188 -13.39 -14.24 24.11
C LEU B 188 -12.36 -14.92 24.99
N TYR B 189 -11.12 -15.04 24.53
CA TYR B 189 -10.16 -15.88 25.25
C TYR B 189 -8.94 -15.12 25.77
N GLY B 190 -8.90 -13.80 25.62
CA GLY B 190 -7.73 -13.06 26.05
C GLY B 190 -6.51 -13.18 25.14
N ARG B 191 -6.67 -13.69 23.92
CA ARG B 191 -5.49 -13.86 23.02
C ARG B 191 -5.24 -12.55 22.30
N PHE B 192 -4.65 -11.58 23.01
CA PHE B 192 -4.27 -10.28 22.42
C PHE B 192 -2.90 -10.40 21.79
N THR B 193 -2.79 -10.07 20.53
CA THR B 193 -1.52 -10.15 19.84
C THR B 193 -1.47 -9.00 18.86
N ILE B 194 -0.33 -8.87 18.14
CA ILE B 194 -0.32 -7.83 17.08
C ILE B 194 -1.41 -8.12 16.05
N LYS B 195 -1.76 -9.40 15.93
CA LYS B 195 -2.80 -9.80 14.99
C LYS B 195 -4.17 -9.31 15.44
N SER B 196 -4.47 -9.31 16.74
CA SER B 196 -5.75 -8.71 17.08
C SER B 196 -5.69 -7.17 16.89
N ASP B 197 -4.51 -6.56 17.03
CA ASP B 197 -4.40 -5.12 16.68
C ASP B 197 -4.71 -4.90 15.22
N VAL B 198 -4.32 -5.84 14.34
CA VAL B 198 -4.62 -5.69 12.91
C VAL B 198 -6.12 -5.72 12.70
N TRP B 199 -6.81 -6.60 13.38
CA TRP B 199 -8.29 -6.56 13.32
C TRP B 199 -8.81 -5.19 13.69
N SER B 200 -8.33 -4.66 14.81
CA SER B 200 -8.79 -3.36 15.26
C SER B 200 -8.50 -2.30 14.22
N PHE B 201 -7.36 -2.42 13.55
CA PHE B 201 -7.00 -1.47 12.51
C PHE B 201 -8.08 -1.50 11.44
N GLY B 202 -8.52 -2.69 11.07
CA GLY B 202 -9.61 -2.78 10.09
C GLY B 202 -10.86 -2.02 10.54
N ILE B 203 -11.25 -2.16 11.83
CA ILE B 203 -12.38 -1.37 12.31
C ILE B 203 -12.06 0.12 12.25
N LEU B 204 -10.82 0.48 12.62
CA LEU B 204 -10.43 1.88 12.50
C LEU B 204 -10.59 2.40 11.07
N LEU B 205 -10.34 1.55 10.08
CA LEU B 205 -10.54 2.03 8.72
C LEU B 205 -12.02 2.32 8.45
N THR B 206 -12.94 1.61 9.09
CA THR B 206 -14.36 1.98 8.92
C THR B 206 -14.66 3.29 9.62
N GLU B 207 -14.04 3.54 10.77
CA GLU B 207 -14.22 4.87 11.37
C GLU B 207 -13.74 5.97 10.44
N LEU B 208 -12.59 5.76 9.80
CA LEU B 208 -12.07 6.78 8.93
C LEU B 208 -12.97 7.06 7.76
N THR B 209 -13.56 6.02 7.20
CA THR B 209 -14.36 6.22 6.01
C THR B 209 -15.81 6.55 6.28
N THR B 210 -16.26 6.49 7.54
CA THR B 210 -17.60 6.97 7.86
C THR B 210 -17.62 8.26 8.66
N LYS B 211 -16.50 8.97 8.71
CA LYS B 211 -16.48 10.18 9.49
C LYS B 211 -16.68 9.93 11.00
N GLY B 212 -16.22 8.77 11.48
CA GLY B 212 -16.20 8.55 12.91
C GLY B 212 -17.40 7.81 13.46
N ARG B 213 -18.25 7.20 12.61
CA ARG B 213 -19.42 6.54 13.19
C ARG B 213 -18.99 5.31 13.98
N VAL B 214 -19.78 4.97 14.99
CA VAL B 214 -19.57 3.74 15.74
C VAL B 214 -19.76 2.55 14.81
N PRO B 215 -18.92 1.56 14.87
CA PRO B 215 -19.08 0.38 14.00
C PRO B 215 -20.34 -0.45 14.38
N TYR B 216 -20.69 -1.36 13.47
CA TYR B 216 -21.86 -2.22 13.60
C TYR B 216 -23.09 -1.44 14.01
N PRO B 217 -23.52 -0.48 13.22
CA PRO B 217 -24.60 0.44 13.67
C PRO B 217 -25.86 -0.32 14.04
N GLY B 218 -26.42 0.06 15.18
CA GLY B 218 -27.63 -0.57 15.66
C GLY B 218 -27.46 -1.94 16.29
N MET B 219 -26.25 -2.50 16.34
CA MET B 219 -26.05 -3.77 17.03
C MET B 219 -25.53 -3.56 18.45
N VAL B 220 -26.08 -4.31 19.42
CA VAL B 220 -25.49 -4.29 20.73
C VAL B 220 -24.31 -5.26 20.76
N ASN B 221 -23.47 -5.12 21.80
CA ASN B 221 -22.24 -5.92 21.93
C ASN B 221 -22.49 -7.41 21.75
N ARG B 222 -23.50 -7.96 22.43
CA ARG B 222 -23.69 -9.41 22.32
C ARG B 222 -24.00 -9.82 20.89
N GLU B 223 -24.77 -8.99 20.18
CA GLU B 223 -25.13 -9.30 18.80
C GLU B 223 -23.89 -9.26 17.90
N VAL B 224 -23.02 -8.26 18.09
CA VAL B 224 -21.78 -8.19 17.31
C VAL B 224 -21.00 -9.49 17.49
N LEU B 225 -20.83 -9.90 18.74
CA LEU B 225 -20.02 -11.08 19.01
C LEU B 225 -20.62 -12.34 18.37
N ASP B 226 -21.93 -12.53 18.52
CA ASP B 226 -22.58 -13.71 17.94
C ASP B 226 -22.50 -13.67 16.42
N GLN B 227 -22.75 -12.50 15.81
CA GLN B 227 -22.72 -12.39 14.35
C GLN B 227 -21.31 -12.51 13.80
N VAL B 228 -20.34 -11.83 14.42
CA VAL B 228 -18.98 -11.91 13.91
C VAL B 228 -18.50 -13.36 13.98
N GLU B 229 -18.88 -14.07 15.03
CA GLU B 229 -18.51 -15.50 15.12
C GLU B 229 -19.17 -16.34 14.04
N ARG B 230 -20.34 -15.95 13.56
CA ARG B 230 -20.99 -16.64 12.46
C ARG B 230 -20.49 -16.21 11.09
N GLY B 231 -19.53 -15.28 11.02
CA GLY B 231 -18.93 -14.86 9.77
C GLY B 231 -19.39 -13.51 9.26
N TYR B 232 -20.34 -12.86 9.94
CA TYR B 232 -20.74 -11.49 9.58
C TYR B 232 -19.56 -10.54 9.58
N ARG B 233 -19.46 -9.70 8.54
CA ARG B 233 -18.51 -8.60 8.55
C ARG B 233 -19.23 -7.35 8.05
N MET B 234 -18.79 -6.19 8.55
CA MET B 234 -19.38 -4.92 8.07
C MET B 234 -19.25 -4.81 6.54
N PRO B 235 -20.29 -4.31 5.87
CA PRO B 235 -20.22 -4.13 4.42
C PRO B 235 -19.39 -2.91 4.06
N CYS B 236 -19.19 -2.75 2.75
CA CYS B 236 -18.39 -1.62 2.21
C CYS B 236 -19.08 -0.29 2.50
N PRO B 237 -18.44 0.66 3.16
CA PRO B 237 -19.10 1.94 3.43
C PRO B 237 -19.43 2.66 2.15
N PRO B 238 -20.49 3.46 2.14
CA PRO B 238 -20.83 4.20 0.92
C PRO B 238 -19.66 5.04 0.43
N GLU B 239 -19.39 4.96 -0.87
CA GLU B 239 -18.32 5.64 -1.60
C GLU B 239 -16.93 5.12 -1.24
N CYS B 240 -16.83 4.09 -0.46
CA CYS B 240 -15.52 3.54 -0.17
C CYS B 240 -15.16 2.58 -1.29
N PRO B 241 -13.97 2.65 -1.89
CA PRO B 241 -13.64 1.70 -2.97
C PRO B 241 -13.65 0.28 -2.44
N GLU B 242 -14.04 -0.67 -3.30
CA GLU B 242 -14.06 -2.06 -2.84
C GLU B 242 -12.67 -2.53 -2.46
N SER B 243 -11.63 -1.98 -3.08
CA SER B 243 -10.26 -2.43 -2.73
C SER B 243 -9.88 -2.05 -1.31
N LEU B 244 -10.40 -0.94 -0.81
CA LEU B 244 -10.18 -0.62 0.59
C LEU B 244 -11.05 -1.49 1.51
N HIS B 245 -12.28 -1.83 1.10
CA HIS B 245 -13.05 -2.78 1.92
C HIS B 245 -12.41 -4.18 1.89
N ASP B 246 -11.84 -4.58 0.77
CA ASP B 246 -11.13 -5.86 0.74
C ASP B 246 -10.00 -5.87 1.76
N LEU B 247 -9.29 -4.73 1.88
CA LEU B 247 -8.26 -4.62 2.91
C LEU B 247 -8.87 -4.80 4.32
N MET B 248 -9.99 -4.13 4.60
CA MET B 248 -10.67 -4.31 5.90
C MET B 248 -10.97 -5.78 6.13
N CYS B 249 -11.48 -6.47 5.10
CA CYS B 249 -11.86 -7.86 5.28
C CYS B 249 -10.65 -8.75 5.52
N GLN B 250 -9.48 -8.40 4.97
CA GLN B 250 -8.25 -9.14 5.28
C GLN B 250 -7.87 -8.95 6.73
N CYS B 251 -8.04 -7.74 7.25
CA CYS B 251 -7.79 -7.55 8.66
C CYS B 251 -8.76 -8.32 9.55
N TRP B 252 -9.94 -8.64 9.04
CA TRP B 252 -10.93 -9.37 9.83
C TRP B 252 -10.97 -10.86 9.51
N ARG B 253 -9.91 -11.44 8.99
CA ARG B 253 -9.92 -12.86 8.80
C ARG B 253 -10.08 -13.57 10.13
N LYS B 254 -10.82 -14.67 10.13
CA LYS B 254 -11.08 -15.36 11.38
C LYS B 254 -9.78 -15.88 11.97
N ASP B 255 -8.89 -16.37 11.13
CA ASP B 255 -7.63 -16.94 11.61
C ASP B 255 -6.64 -15.81 11.79
N PRO B 256 -6.19 -15.50 13.01
CA PRO B 256 -5.35 -14.29 13.16
C PRO B 256 -4.10 -14.36 12.31
N GLU B 257 -3.58 -15.56 12.11
CA GLU B 257 -2.33 -15.65 11.35
C GLU B 257 -2.51 -15.36 9.87
N GLU B 258 -3.75 -15.29 9.36
CA GLU B 258 -3.99 -14.95 7.97
C GLU B 258 -4.23 -13.47 7.75
N ARG B 259 -4.30 -12.67 8.83
CA ARG B 259 -4.40 -11.24 8.69
C ARG B 259 -3.07 -10.64 8.24
N PRO B 260 -3.10 -9.50 7.56
CA PRO B 260 -1.85 -8.90 7.03
C PRO B 260 -0.99 -8.36 8.17
N THR B 261 0.29 -8.13 7.86
CA THR B 261 1.14 -7.45 8.84
C THR B 261 0.89 -5.95 8.76
N PHE B 262 1.34 -5.24 9.79
CA PHE B 262 1.32 -3.77 9.64
C PHE B 262 2.34 -3.28 8.61
N GLU B 263 3.44 -4.00 8.47
CA GLU B 263 4.40 -3.69 7.38
C GLU B 263 3.67 -3.70 6.04
N TYR B 264 2.85 -4.73 5.79
CA TYR B 264 2.05 -4.77 4.56
C TYR B 264 1.06 -3.60 4.50
N LEU B 265 0.33 -3.38 5.61
CA LEU B 265 -0.70 -2.34 5.57
C LEU B 265 -0.07 -0.99 5.31
N GLN B 266 1.09 -0.70 5.92
CA GLN B 266 1.70 0.60 5.74
C GLN B 266 2.03 0.81 4.26
N ALA B 267 2.64 -0.21 3.64
CA ALA B 267 3.08 -0.08 2.24
C ALA B 267 1.87 0.05 1.32
N PHE B 268 0.82 -0.74 1.60
CA PHE B 268 -0.37 -0.74 0.76
C PHE B 268 -1.04 0.62 0.77
N LEU B 269 -1.13 1.20 1.96
CA LEU B 269 -1.82 2.48 2.12
C LEU B 269 -0.96 3.61 1.61
N GLU B 270 0.36 3.56 1.84
CA GLU B 270 1.24 4.58 1.26
C GLU B 270 1.13 4.63 -0.25
N ASP B 271 1.07 3.48 -0.90
CA ASP B 271 1.13 3.42 -2.36
C ASP B 271 -0.29 3.41 -2.98
N TYR B 272 -1.33 3.57 -2.15
CA TYR B 272 -2.71 3.19 -2.54
C TYR B 272 -3.14 3.84 -3.87
N PHE B 273 -2.94 5.15 -4.00
CA PHE B 273 -3.48 5.84 -5.16
C PHE B 273 -2.67 5.67 -6.43
N THR B 274 -1.51 5.01 -6.35
CA THR B 274 -0.78 4.67 -7.57
C THR B 274 -0.94 3.21 -7.94
N SER B 275 -0.78 2.31 -6.98
CA SER B 275 -0.74 0.89 -7.24
C SER B 275 -2.10 0.21 -7.17
N THR B 276 -3.06 0.76 -6.40
CA THR B 276 -4.29 0.03 -6.17
C THR B 276 -5.52 0.72 -6.76
N GLU B 277 -5.62 2.03 -6.60
CA GLU B 277 -6.81 2.79 -7.08
C GLU B 277 -6.35 3.98 -7.93
N PRO B 278 -5.63 3.73 -9.05
CA PRO B 278 -5.11 4.86 -9.82
C PRO B 278 -6.18 5.66 -10.48
N GLN B 279 -7.39 5.15 -10.58
CA GLN B 279 -8.44 5.92 -11.24
C GLN B 279 -9.50 6.38 -10.25
N TYR B 280 -9.08 6.56 -8.99
CA TYR B 280 -9.94 7.19 -7.98
C TYR B 280 -10.41 8.55 -8.44
N GLN B 281 -11.72 8.83 -8.23
CA GLN B 281 -12.24 10.17 -8.44
C GLN B 281 -13.10 10.59 -7.26
N PRO B 282 -12.97 11.83 -6.80
CA PRO B 282 -13.71 12.27 -5.61
C PRO B 282 -15.21 12.12 -5.79
N GLY B 283 -15.90 11.78 -4.71
CA GLY B 283 -17.34 11.78 -4.67
C GLY B 283 -17.85 12.90 -3.80
N GLU B 284 -19.10 12.76 -3.37
CA GLU B 284 -19.67 13.80 -2.51
C GLU B 284 -19.17 13.74 -1.08
N ASN B 285 -18.82 12.55 -0.56
CA ASN B 285 -18.31 12.35 0.80
C ASN B 285 -16.90 11.73 0.94
N LEU B 286 -16.46 10.88 0.01
CA LEU B 286 -15.07 10.35 0.05
C LEU B 286 -14.37 10.61 -1.29
N1 0LI C . -4.50 -12.67 -18.25
N3 0LI C . 1.72 -2.08 -28.45
C4 0LI C . -5.15 -9.47 -21.37
C5 0LI C . -5.18 -8.65 -22.64
C6 0LI C . -6.32 -8.57 -23.42
C7 0LI C . -6.30 -7.81 -24.58
C8 0LI C . -5.13 -7.14 -24.94
C10 0LI C . -4.04 -7.99 -22.99
C13 0LI C . -1.45 -5.30 -26.37
C15 0LI C . -0.52 -3.66 -27.85
C17 0LI C . 0.93 -5.15 -26.62
C20 0LI C . 1.99 -3.47 -28.12
C21 0LI C . 1.71 -1.31 -27.22
C22 0LI C . 1.55 0.17 -27.51
C24 0LI C . 2.73 -1.62 -29.39
C81 0LI C . -4.97 -12.06 -15.86
C82 0LI C . -5.38 -11.03 -15.06
C83 0LI C . -5.70 -9.81 -15.60
N81 0LI C . -5.61 -9.61 -16.91
N82 0LI C . -5.18 -10.67 -17.72
C84 0LI C . -4.88 -11.85 -17.23
C1 0LI C . -4.60 -11.97 -19.36
C2 0LI C . -5.02 -10.73 -19.02
C3 0LI C . -5.08 -10.07 -20.37
C9 0LI C . -4.02 -7.23 -24.13
C11 0LI C . -7.57 -9.33 -23.00
C12 0LI C . -2.71 -6.53 -24.49
O1 0LI C . -1.82 -6.52 -23.73
N2 0LI C . -2.63 -5.95 -25.81
C14 0LI C . -1.63 -4.26 -27.27
C16 0LI C . 0.75 -4.10 -27.51
C18 0LI C . -0.19 -5.76 -26.05
C19 0LI C . 2.24 -5.76 -26.15
F1 0LI C . 2.94 -6.19 -27.23
F2 0LI C . 2.94 -4.76 -25.56
F3 0LI C . 2.11 -6.79 -25.28
C23 0LI C . 2.60 -0.13 -29.65
C25 0LI C . 2.37 2.04 -28.71
N4 0LI C . 2.58 0.64 -28.42
N1 0LI D . -1.89 15.88 23.13
N3 0LI D . 1.39 0.34 25.14
C4 0LI D . -1.16 12.40 25.91
C5 0LI D . -0.56 11.24 26.65
C6 0LI D . -0.03 11.38 27.91
C7 0LI D . 0.51 10.28 28.55
C8 0LI D . 0.53 9.05 27.90
C10 0LI D . -0.55 10.03 26.01
C13 0LI D . 0.99 5.22 25.96
C15 0LI D . 1.48 2.91 26.27
C17 0LI D . 1.42 3.83 24.06
C20 0LI D . 1.90 1.38 24.29
C21 0LI D . -0.06 0.29 25.01
C22 0LI D . -0.66 -0.86 25.79
C24 0LI D . 2.00 -0.92 24.76
C81 0LI D . -4.27 16.62 22.82
C82 0LI D . -5.55 16.36 23.20
C83 0LI D . -5.83 15.34 24.08
N81 0LI D . -4.83 14.60 24.56
N82 0LI D . -3.52 14.89 24.17
C84 0LI D . -3.24 15.86 23.32
C1 0LI D . -1.37 14.92 23.86
C2 0LI D . -2.40 14.31 24.49
C3 0LI D . -1.65 13.25 25.28
C9 0LI D . -0.03 8.93 26.65
C11 0LI D . -0.05 12.74 28.60
C12 0LI D . 0.02 7.60 25.89
O1 0LI D . -0.47 7.49 24.83
N2 0LI D . 0.75 6.53 26.54
C14 0LI D . 1.19 4.14 26.80
C16 0LI D . 1.59 2.75 24.91
C18 0LI D . 1.13 5.08 24.59
C19 0LI D . 1.50 3.84 22.53
F1 0LI D . 0.48 3.06 22.05
F2 0LI D . 1.42 5.09 21.98
F3 0LI D . 2.66 3.26 22.14
C23 0LI D . 1.39 -2.09 25.53
C25 0LI D . -0.54 -3.17 26.32
N4 0LI D . -0.04 -2.14 25.45
#